data_3M7U
#
_entry.id   3M7U
#
_cell.length_a   65.396
_cell.length_b   65.396
_cell.length_c   79.856
_cell.angle_alpha   90.00
_cell.angle_beta   90.00
_cell.angle_gamma   120.00
#
_symmetry.space_group_name_H-M   'P 32 2 1'
#
loop_
_entity.id
_entity.type
_entity.pdbx_description
1 polymer 'Alpha-lytic protease'
2 polymer 'SELF-PROTEOLYSIS PRODUCT (RESIDUES 184-187)'
3 non-polymer 'SULFATE ION'
4 water water
#
loop_
_entity_poly.entity_id
_entity_poly.type
_entity_poly.pdbx_seq_one_letter_code
_entity_poly.pdbx_strand_id
1 'polypeptide(L)'
;ANIVGGIEYSINNASLCSVGFSVTRGATKGFVTAGHCGTVNATARIGGAVVGTFAARVFPGNDAAWVSLTSAQTLLPRVA
NGSSFVTVRGSTEAAVGAAVCRSGRTTGYQCGTITAKNVTANYAEGAVRGLTQGNACMGRGDSGGSWITSAGQAQGVMSG
GNVQSNGNNCGIPASQRSSLFQRLQPILSQYGLSLVTG
;
A
2 'polypeptide(L)' LQPI B
#
# COMPACT_ATOMS: atom_id res chain seq x y z
N ALA A 1 -0.27 -16.17 -9.62
CA ALA A 1 0.38 -15.82 -8.31
C ALA A 1 -0.67 -15.67 -7.24
N ASN A 2 -0.26 -15.90 -6.01
CA ASN A 2 -1.10 -15.63 -4.85
C ASN A 2 -0.93 -14.17 -4.41
N ILE A 3 -2.05 -13.46 -4.33
CA ILE A 3 -2.03 -12.03 -4.10
C ILE A 3 -2.21 -11.77 -2.60
N VAL A 4 -1.14 -11.25 -2.00
CA VAL A 4 -1.05 -10.97 -0.57
C VAL A 4 -0.53 -9.54 -0.39
N GLY A 5 -1.14 -8.80 0.51
CA GLY A 5 -0.69 -7.46 0.81
C GLY A 5 0.77 -7.43 1.23
N GLY A 6 1.52 -6.47 0.70
CA GLY A 6 2.89 -6.24 1.10
C GLY A 6 3.92 -6.84 0.19
N ILE A 7 3.53 -7.76 -0.69
CA ILE A 7 4.50 -8.43 -1.56
C ILE A 7 4.92 -7.54 -2.72
N GLU A 8 6.10 -7.83 -3.24
CA GLU A 8 6.67 -7.09 -4.35
C GLU A 8 5.95 -7.37 -5.67
N TYR A 9 5.78 -6.32 -6.48
CA TYR A 9 5.46 -6.49 -7.88
C TYR A 9 6.25 -5.43 -8.67
N SER A 10 6.49 -5.70 -9.95
CA SER A 10 7.16 -4.73 -10.81
C SER A 10 6.17 -4.10 -11.79
N ILE A 11 6.53 -2.91 -12.27
CA ILE A 11 5.70 -2.16 -13.20
C ILE A 11 6.49 -1.89 -14.48
N ASN A 12 5.97 -2.39 -15.61
CA ASN A 12 6.64 -2.32 -16.90
C ASN A 12 8.12 -2.75 -16.82
N ASN A 13 8.35 -3.82 -16.05
CA ASN A 13 9.68 -4.41 -15.89
C ASN A 13 10.71 -3.43 -15.35
N ALA A 14 10.23 -2.41 -14.62
CA ALA A 14 11.11 -1.34 -14.17
C ALA A 14 10.98 -1.10 -12.66
N SER A 15 10.09 -0.22 -12.25
CA SER A 15 9.96 0.10 -10.83
C SER A 15 9.37 -1.07 -10.04
N LEU A 16 9.66 -1.09 -8.76
CA LEU A 16 9.07 -2.04 -7.82
C LEU A 16 8.18 -1.31 -6.83
N CYS A 17 7.02 -1.90 -6.56
N CYS A 17 7.08 -1.94 -6.48
CA CYS A 17 6.14 -1.43 -5.51
CA CYS A 17 6.25 -1.45 -5.40
C CYS A 17 5.60 -2.63 -4.72
C CYS A 17 5.70 -2.63 -4.61
N SER A 18 4.72 -2.36 -3.77
CA SER A 18 4.17 -3.38 -2.90
C SER A 18 2.65 -3.43 -3.08
N VAL A 19 2.11 -4.64 -3.05
CA VAL A 19 0.66 -4.84 -3.13
C VAL A 19 -0.05 -4.24 -1.91
N GLY A 20 -1.18 -3.57 -2.15
CA GLY A 20 -1.99 -3.05 -1.06
C GLY A 20 -2.93 -4.11 -0.51
N PHE A 21 -4.05 -4.34 -1.21
CA PHE A 21 -5.03 -5.33 -0.80
C PHE A 21 -5.72 -5.96 -1.99
N SER A 22 -6.00 -7.24 -1.85
CA SER A 22 -6.88 -7.96 -2.77
C SER A 22 -8.29 -7.37 -2.74
N VAL A 23 -8.84 -7.14 -3.93
CA VAL A 23 -10.20 -6.63 -4.11
C VAL A 23 -10.86 -7.30 -5.31
N THR A 24 -12.19 -7.19 -5.38
CA THR A 24 -12.92 -7.56 -6.58
C THR A 24 -13.70 -6.36 -7.13
N ARG A 25 -13.96 -6.42 -8.42
N ARG A 25 -13.93 -6.36 -8.44
CA ARG A 25 -14.78 -5.44 -9.12
CA ARG A 25 -14.82 -5.42 -9.08
C ARG A 25 -15.73 -6.30 -9.96
C ARG A 25 -15.76 -6.22 -9.96
N GLY A 26 -16.86 -6.67 -9.37
CA GLY A 26 -17.70 -7.66 -9.99
C GLY A 26 -16.88 -8.95 -10.14
N ALA A 27 -16.86 -9.50 -11.35
CA ALA A 27 -16.11 -10.73 -11.60
C ALA A 27 -14.61 -10.49 -11.72
N THR A 28 -14.21 -9.23 -11.86
CA THR A 28 -12.81 -8.90 -12.07
C THR A 28 -12.02 -8.96 -10.76
N LYS A 29 -10.88 -9.65 -10.81
CA LYS A 29 -9.96 -9.68 -9.68
C LYS A 29 -9.00 -8.49 -9.75
N GLY A 30 -8.55 -8.01 -8.60
CA GLY A 30 -7.64 -6.87 -8.59
C GLY A 30 -6.88 -6.71 -7.29
N PHE A 31 -5.95 -5.78 -7.27
CA PHE A 31 -5.43 -5.28 -6.00
C PHE A 31 -5.30 -3.75 -6.04
N VAL A 32 -5.54 -3.12 -4.89
CA VAL A 32 -5.30 -1.70 -4.77
C VAL A 32 -3.84 -1.45 -4.40
N THR A 33 -3.35 -0.28 -4.78
CA THR A 33 -1.95 0.09 -4.56
C THR A 33 -1.87 1.62 -4.69
N ALA A 34 -0.67 2.17 -4.69
CA ALA A 34 -0.50 3.62 -4.81
C ALA A 34 -0.52 4.04 -6.29
N GLY A 35 -1.10 5.22 -6.55
CA GLY A 35 -1.18 5.77 -7.88
C GLY A 35 0.17 6.05 -8.52
N HIS A 36 1.16 6.47 -7.72
CA HIS A 36 2.45 6.82 -8.28
C HIS A 36 3.24 5.60 -8.75
N CYS A 37 2.75 4.41 -8.44
N CYS A 37 2.73 4.41 -8.43
CA CYS A 37 3.43 3.17 -8.84
CA CYS A 37 3.39 3.17 -8.82
C CYS A 37 3.29 2.82 -10.32
C CYS A 37 3.35 2.92 -10.33
N GLY A 38 2.28 3.35 -10.98
CA GLY A 38 2.10 3.05 -12.38
C GLY A 38 1.06 3.90 -13.06
N THR A 39 1.19 4.00 -14.39
CA THR A 39 0.22 4.69 -15.21
C THR A 39 -0.77 3.68 -15.77
N VAL A 40 -1.93 4.17 -16.22
CA VAL A 40 -2.95 3.29 -16.76
C VAL A 40 -2.37 2.46 -17.89
N ASN A 41 -2.67 1.16 -17.84
CA ASN A 41 -2.28 0.16 -18.82
C ASN A 41 -0.88 -0.41 -18.58
N ALA A 42 -0.17 0.13 -17.60
CA ALA A 42 1.14 -0.42 -17.23
C ALA A 42 1.00 -1.86 -16.75
N THR A 43 1.99 -2.68 -17.08
CA THR A 43 1.97 -4.11 -16.81
C THR A 43 2.61 -4.48 -15.46
N ALA A 44 1.85 -5.20 -14.64
CA ALA A 44 2.32 -5.67 -13.34
C ALA A 44 2.80 -7.11 -13.44
N ARG A 45 3.95 -7.39 -12.82
CA ARG A 45 4.50 -8.74 -12.76
C ARG A 45 4.80 -9.13 -11.32
N ILE A 46 4.58 -10.40 -11.01
CA ILE A 46 4.95 -11.00 -9.73
C ILE A 46 5.61 -12.33 -10.06
N GLY A 47 6.74 -12.62 -9.41
N GLY A 47 6.77 -12.58 -9.47
CA GLY A 47 7.38 -13.91 -9.53
CA GLY A 47 7.52 -13.81 -9.71
C GLY A 47 7.67 -14.30 -10.96
C GLY A 47 7.95 -13.94 -11.16
N GLY A 48 8.13 -13.32 -11.74
N GLY A 48 8.10 -12.81 -11.84
CA GLY A 48 8.54 -13.57 -13.11
CA GLY A 48 8.54 -12.80 -13.23
C GLY A 48 7.39 -13.84 -14.07
C GLY A 48 7.42 -12.96 -14.25
N ALA A 49 6.21 -13.29 -13.77
CA ALA A 49 5.06 -13.49 -14.65
C ALA A 49 4.12 -12.28 -14.64
N VAL A 50 3.55 -11.97 -15.79
CA VAL A 50 2.51 -10.95 -15.88
C VAL A 50 1.29 -11.41 -15.10
N VAL A 51 0.79 -10.53 -14.24
CA VAL A 51 -0.41 -10.82 -13.46
C VAL A 51 -1.60 -9.90 -13.79
N GLY A 52 -1.34 -8.74 -14.39
CA GLY A 52 -2.40 -7.79 -14.69
C GLY A 52 -1.87 -6.46 -15.16
N THR A 53 -2.75 -5.47 -15.22
CA THR A 53 -2.40 -4.13 -15.69
C THR A 53 -3.09 -3.09 -14.83
N PHE A 54 -2.49 -1.90 -14.75
CA PHE A 54 -3.11 -0.79 -14.03
C PHE A 54 -4.41 -0.39 -14.73
N ALA A 55 -5.52 -0.47 -14.00
CA ALA A 55 -6.83 -0.18 -14.58
C ALA A 55 -7.16 1.31 -14.49
N ALA A 56 -6.71 1.94 -13.42
CA ALA A 56 -7.03 3.32 -13.12
C ALA A 56 -6.15 3.83 -12.00
N ARG A 57 -5.94 5.14 -12.00
CA ARG A 57 -5.19 5.78 -10.94
C ARG A 57 -5.51 7.25 -10.83
N VAL A 58 -5.26 7.79 -9.63
CA VAL A 58 -5.20 9.22 -9.42
C VAL A 58 -3.91 9.54 -8.69
N PHE A 59 -3.05 10.29 -9.35
CA PHE A 59 -1.82 10.79 -8.77
C PHE A 59 -1.26 11.88 -9.68
N PRO A 60 -0.84 13.01 -9.12
CA PRO A 60 -0.94 13.42 -7.71
C PRO A 60 -2.36 13.89 -7.33
N GLY A 61 -2.49 14.75 -6.33
CA GLY A 61 -3.79 15.13 -5.81
C GLY A 61 -4.22 14.10 -4.78
N ASN A 62 -4.46 12.88 -5.26
CA ASN A 62 -4.50 11.70 -4.38
C ASN A 62 -3.30 10.82 -4.74
N ASP A 63 -3.22 9.62 -4.16
CA ASP A 63 -2.19 8.67 -4.55
C ASP A 63 -2.78 7.26 -4.49
N ALA A 64 -3.62 6.95 -5.46
CA ALA A 64 -4.42 5.73 -5.45
C ALA A 64 -4.45 5.07 -6.82
N ALA A 65 -4.53 3.76 -6.82
CA ALA A 65 -4.67 3.00 -8.07
C ALA A 65 -5.20 1.62 -7.78
N TRP A 66 -5.69 0.96 -8.83
CA TRP A 66 -5.90 -0.47 -8.74
C TRP A 66 -5.41 -1.15 -10.02
N VAL A 67 -4.96 -2.37 -9.82
CA VAL A 67 -4.45 -3.23 -10.87
C VAL A 67 -5.48 -4.33 -11.11
N SER A 68 -5.97 -4.43 -12.33
N SER A 68 -5.95 -4.40 -12.34
CA SER A 68 -6.91 -5.48 -12.70
CA SER A 68 -6.85 -5.45 -12.78
C SER A 68 -6.13 -6.70 -13.18
C SER A 68 -6.01 -6.69 -13.06
N LEU A 69 -6.44 -7.84 -12.55
CA LEU A 69 -5.66 -9.06 -12.67
C LEU A 69 -6.31 -10.07 -13.59
N THR A 70 -5.51 -10.96 -14.15
CA THR A 70 -6.06 -12.06 -14.91
C THR A 70 -6.80 -13.01 -13.97
N SER A 71 -7.74 -13.76 -14.53
CA SER A 71 -8.57 -14.64 -13.74
C SER A 71 -7.74 -15.79 -13.11
N ALA A 72 -6.53 -16.02 -13.62
CA ALA A 72 -5.65 -17.05 -13.08
C ALA A 72 -5.02 -16.68 -11.73
N GLN A 73 -5.06 -15.41 -11.37
CA GLN A 73 -4.50 -14.96 -10.09
C GLN A 73 -5.38 -15.42 -8.94
N THR A 74 -4.77 -15.61 -7.78
CA THR A 74 -5.48 -16.06 -6.59
C THR A 74 -5.54 -14.95 -5.54
N LEU A 75 -6.73 -14.40 -5.35
CA LEU A 75 -6.92 -13.35 -4.36
C LEU A 75 -6.98 -13.92 -2.94
N LEU A 76 -6.27 -13.29 -2.02
CA LEU A 76 -6.27 -13.74 -0.63
C LEU A 76 -6.51 -12.58 0.31
N PRO A 77 -7.29 -12.83 1.38
CA PRO A 77 -7.60 -11.81 2.38
C PRO A 77 -6.49 -11.67 3.41
N ARG A 78 -5.27 -11.41 2.93
N ARG A 78 -5.26 -11.43 2.94
CA ARG A 78 -4.11 -11.46 3.81
CA ARG A 78 -4.09 -11.50 3.81
C ARG A 78 -3.13 -10.33 3.53
C ARG A 78 -3.06 -10.45 3.49
N VAL A 79 -2.30 -10.07 4.52
CA VAL A 79 -1.19 -9.14 4.43
C VAL A 79 0.02 -9.86 5.04
N ALA A 80 1.16 -9.75 4.39
CA ALA A 80 2.38 -10.40 4.86
C ALA A 80 2.90 -9.80 6.17
N ASN A 81 3.23 -10.68 7.11
CA ASN A 81 3.92 -10.31 8.33
C ASN A 81 5.05 -11.32 8.51
N GLY A 82 6.23 -11.01 7.98
CA GLY A 82 7.30 -12.00 7.91
C GLY A 82 6.80 -13.17 7.08
N SER A 83 6.89 -14.37 7.63
N SER A 83 6.91 -14.37 7.64
CA SER A 83 6.43 -15.57 6.96
CA SER A 83 6.43 -15.58 6.97
C SER A 83 4.97 -15.87 7.30
C SER A 83 5.02 -15.93 7.43
N SER A 84 4.40 -15.11 8.23
N SER A 84 4.41 -15.03 8.19
CA SER A 84 3.01 -15.26 8.63
CA SER A 84 3.04 -15.19 8.67
C SER A 84 2.12 -14.21 7.95
C SER A 84 2.11 -14.26 7.92
N PHE A 85 0.86 -14.16 8.39
CA PHE A 85 -0.13 -13.31 7.74
C PHE A 85 -1.02 -12.62 8.76
N VAL A 86 -1.42 -11.41 8.41
CA VAL A 86 -2.51 -10.73 9.08
C VAL A 86 -3.73 -10.87 8.19
N THR A 87 -4.83 -11.33 8.77
CA THR A 87 -6.05 -11.52 8.01
C THR A 87 -6.83 -10.21 7.90
N VAL A 88 -7.27 -9.92 6.68
CA VAL A 88 -8.08 -8.74 6.38
C VAL A 88 -9.53 -9.02 6.76
N ARG A 89 -10.05 -8.22 7.69
CA ARG A 89 -11.38 -8.42 8.25
C ARG A 89 -12.38 -7.34 7.83
N GLY A 90 -11.87 -6.21 7.36
CA GLY A 90 -12.73 -5.08 7.01
C GLY A 90 -11.91 -3.83 6.74
N SER A 91 -12.59 -2.69 6.63
CA SER A 91 -11.93 -1.42 6.31
C SER A 91 -12.38 -0.30 7.25
N THR A 92 -12.69 -0.62 8.50
CA THR A 92 -12.99 0.40 9.50
C THR A 92 -11.78 1.31 9.70
N GLU A 93 -11.96 2.62 9.52
CA GLU A 93 -10.87 3.57 9.74
C GLU A 93 -10.58 3.77 11.21
N ALA A 94 -9.31 3.62 11.56
CA ALA A 94 -8.85 3.87 12.92
C ALA A 94 -8.64 5.36 13.16
N ALA A 95 -8.77 5.76 14.41
CA ALA A 95 -8.64 7.15 14.81
C ALA A 95 -7.19 7.51 15.10
N VAL A 96 -6.88 8.81 15.08
CA VAL A 96 -5.59 9.28 15.55
C VAL A 96 -5.34 8.70 16.95
N GLY A 97 -4.14 8.17 17.16
CA GLY A 97 -3.76 7.56 18.43
C GLY A 97 -3.73 6.04 18.36
N ALA A 98 -4.42 5.48 17.37
CA ALA A 98 -4.48 4.03 17.24
C ALA A 98 -3.16 3.46 16.79
N ALA A 99 -2.87 2.24 17.22
CA ALA A 99 -1.78 1.48 16.66
C ALA A 99 -2.13 1.08 15.24
N VAL A 100 -1.11 0.98 14.40
CA VAL A 100 -1.28 0.55 13.02
C VAL A 100 0.03 -0.03 12.52
N CYS A 101 -0.06 -0.94 11.56
N CYS A 101 -0.05 -0.95 11.58
CA CYS A 101 1.12 -1.55 10.96
CA CYS A 101 1.14 -1.56 10.97
C CYS A 101 1.08 -1.36 9.44
C CYS A 101 1.07 -1.43 9.45
N ARG A 102 2.19 -1.67 8.79
CA ARG A 102 2.26 -1.60 7.34
C ARG A 102 3.21 -2.69 6.86
N SER A 103 3.03 -3.09 5.61
CA SER A 103 3.74 -4.21 5.01
C SER A 103 4.23 -3.81 3.62
N GLY A 104 5.49 -4.10 3.31
CA GLY A 104 6.04 -3.77 2.00
C GLY A 104 7.35 -4.49 1.76
N ARG A 105 7.80 -4.45 0.50
CA ARG A 105 8.89 -5.32 0.07
C ARG A 105 10.29 -4.86 0.49
N THR A 106 10.40 -3.66 1.05
CA THR A 106 11.72 -3.15 1.44
C THR A 106 11.99 -3.30 2.93
N THR A 107 11.09 -2.80 3.78
CA THR A 107 11.29 -2.88 5.22
C THR A 107 10.41 -3.94 5.90
N GLY A 108 9.62 -4.65 5.12
CA GLY A 108 8.78 -5.69 5.67
C GLY A 108 7.63 -5.12 6.49
N TYR A 109 7.35 -5.76 7.61
CA TYR A 109 6.19 -5.45 8.44
C TYR A 109 6.63 -4.59 9.61
N GLN A 110 6.08 -3.39 9.71
CA GLN A 110 6.49 -2.40 10.70
C GLN A 110 5.27 -1.81 11.37
N CYS A 111 5.37 -1.53 12.67
N CYS A 111 5.38 -1.50 12.65
CA CYS A 111 4.22 -1.03 13.44
CA CYS A 111 4.26 -0.97 13.40
C CYS A 111 4.53 0.26 14.21
C CYS A 111 4.57 0.37 14.04
N GLY A 112 3.51 1.09 14.36
CA GLY A 112 3.62 2.36 15.05
C GLY A 112 2.22 2.83 15.41
N THR A 113 2.03 4.16 15.37
CA THR A 113 0.74 4.74 15.70
CA THR A 113 0.75 4.76 15.71
C THR A 113 0.36 5.81 14.66
N ILE A 114 -0.94 6.04 14.55
CA ILE A 114 -1.46 7.11 13.70
C ILE A 114 -1.32 8.43 14.46
N THR A 115 -0.64 9.39 13.85
CA THR A 115 -0.30 10.65 14.53
C THR A 115 -1.07 11.87 14.00
N ALA A 116 -1.57 11.79 12.77
CA ALA A 116 -2.31 12.90 12.18
C ALA A 116 -3.11 12.47 10.95
N LYS A 117 -4.14 13.24 10.63
CA LYS A 117 -4.92 13.02 9.42
C LYS A 117 -4.99 14.28 8.57
N ASN A 118 -5.40 14.09 7.31
CA ASN A 118 -5.54 15.19 6.36
C ASN A 118 -4.25 15.95 6.11
N VAL A 119 -3.17 15.20 5.98
CA VAL A 119 -1.84 15.74 5.75
C VAL A 119 -1.55 15.88 4.26
N THR A 120 -0.98 17.02 3.88
CA THR A 120 -0.49 17.23 2.53
C THR A 120 1.00 16.90 2.42
N ALA A 121 1.34 16.12 1.41
CA ALA A 121 2.72 15.88 1.03
C ALA A 121 2.98 16.58 -0.30
N ASN A 122 4.08 17.31 -0.38
CA ASN A 122 4.49 17.91 -1.65
C ASN A 122 5.52 17.00 -2.28
N TYR A 123 5.14 16.38 -3.38
CA TYR A 123 6.06 15.54 -4.13
C TYR A 123 6.52 16.28 -5.40
N ALA A 124 7.53 15.75 -6.08
CA ALA A 124 8.03 16.37 -7.29
C ALA A 124 6.92 16.60 -8.32
N GLU A 125 5.94 15.71 -8.36
CA GLU A 125 4.88 15.75 -9.36
C GLU A 125 3.75 16.71 -8.99
N GLY A 126 3.73 17.11 -7.72
CA GLY A 126 2.66 17.94 -7.20
C GLY A 126 2.26 17.51 -5.80
N ALA A 127 1.32 18.26 -5.22
CA ALA A 127 0.81 17.97 -3.89
C ALA A 127 -0.11 16.77 -3.92
N VAL A 128 -0.07 16.01 -2.84
CA VAL A 128 -1.04 14.96 -2.56
C VAL A 128 -1.67 15.29 -1.21
N ARG A 129 -3.00 15.41 -1.20
CA ARG A 129 -3.71 15.85 -0.01
C ARG A 129 -4.47 14.70 0.65
N GLY A 130 -4.88 14.93 1.88
CA GLY A 130 -5.79 14.02 2.57
C GLY A 130 -5.13 12.77 3.13
N LEU A 131 -3.79 12.76 3.20
CA LEU A 131 -3.06 11.58 3.65
C LEU A 131 -3.11 11.41 5.16
N THR A 132 -3.06 10.17 5.61
CA THR A 132 -2.96 9.90 7.04
C THR A 132 -1.50 9.62 7.39
N GLN A 133 -1.06 10.19 8.50
CA GLN A 133 0.32 10.06 8.95
C GLN A 133 0.44 9.10 10.12
N GLY A 134 1.42 8.22 10.05
CA GLY A 134 1.79 7.37 11.16
C GLY A 134 3.29 7.43 11.38
N ASN A 135 3.75 6.76 12.42
CA ASN A 135 5.19 6.74 12.71
C ASN A 135 5.81 5.34 12.68
N ALA A 136 5.11 4.39 12.07
CA ALA A 136 5.75 3.15 11.63
C ALA A 136 6.77 3.58 10.57
N CYS A 137 7.93 2.93 10.56
N CYS A 137 7.93 2.94 10.57
CA CYS A 137 8.95 3.28 9.58
CA CYS A 137 8.95 3.28 9.59
C CYS A 137 8.70 2.57 8.25
C CYS A 137 8.62 2.65 8.24
N MET A 138 9.36 3.06 7.22
CA MET A 138 9.16 2.60 5.86
CA MET A 138 9.15 2.61 5.85
C MET A 138 10.36 3.00 5.01
N GLY A 139 10.43 2.49 3.79
CA GLY A 139 11.52 2.81 2.89
C GLY A 139 11.08 2.78 1.44
N ARG A 140 11.96 3.24 0.56
CA ARG A 140 11.70 3.22 -0.88
C ARG A 140 11.37 1.80 -1.30
N GLY A 141 10.31 1.66 -2.09
CA GLY A 141 9.83 0.36 -2.51
C GLY A 141 8.64 -0.16 -1.72
N ASP A 142 8.44 0.38 -0.52
CA ASP A 142 7.30 -0.01 0.30
C ASP A 142 6.00 0.62 -0.23
N SER A 143 6.14 1.60 -1.15
CA SER A 143 4.99 2.28 -1.75
C SER A 143 3.95 1.31 -2.28
N GLY A 144 2.69 1.65 -2.07
CA GLY A 144 1.58 0.82 -2.50
C GLY A 144 1.15 -0.19 -1.45
N GLY A 145 2.03 -0.47 -0.51
CA GLY A 145 1.82 -1.55 0.44
C GLY A 145 0.76 -1.27 1.50
N SER A 146 0.27 -2.37 2.07
CA SER A 146 -0.78 -2.36 3.07
C SER A 146 -0.45 -1.56 4.32
N TRP A 147 -1.42 -0.76 4.77
CA TRP A 147 -1.49 -0.29 6.15
C TRP A 147 -2.74 -0.94 6.75
N ILE A 148 -2.55 -1.63 7.87
CA ILE A 148 -3.61 -2.44 8.46
C ILE A 148 -3.40 -2.49 9.98
N THR A 149 -4.48 -2.49 10.75
CA THR A 149 -4.35 -2.67 12.19
C THR A 149 -4.12 -4.15 12.51
N SER A 150 -3.59 -4.41 13.70
CA SER A 150 -3.32 -5.79 14.10
C SER A 150 -4.62 -6.61 14.20
N ALA A 151 -5.75 -5.92 14.37
CA ALA A 151 -7.06 -6.56 14.40
C ALA A 151 -7.68 -6.76 13.01
N GLY A 152 -6.94 -6.41 11.96
CA GLY A 152 -7.33 -6.77 10.62
C GLY A 152 -8.11 -5.72 9.84
N GLN A 153 -8.16 -4.49 10.32
CA GLN A 153 -8.87 -3.45 9.58
C GLN A 153 -7.91 -2.72 8.65
N ALA A 154 -8.16 -2.89 7.36
CA ALA A 154 -7.36 -2.28 6.31
C ALA A 154 -7.57 -0.76 6.29
N GLN A 155 -6.46 -0.02 6.38
CA GLN A 155 -6.48 1.44 6.50
C GLN A 155 -6.21 2.19 5.21
N GLY A 156 -5.28 1.69 4.41
CA GLY A 156 -4.81 2.44 3.27
C GLY A 156 -3.57 1.84 2.63
N VAL A 157 -2.98 2.60 1.71
CA VAL A 157 -1.83 2.16 0.95
C VAL A 157 -0.69 3.19 1.07
N MET A 158 0.53 2.67 1.18
CA MET A 158 1.71 3.49 1.42
C MET A 158 1.94 4.49 0.29
N SER A 159 2.03 5.78 0.64
CA SER A 159 2.28 6.83 -0.35
C SER A 159 3.72 7.35 -0.28
N GLY A 160 4.16 7.77 0.90
CA GLY A 160 5.47 8.38 0.99
C GLY A 160 5.87 8.63 2.42
N GLY A 161 7.07 9.15 2.61
CA GLY A 161 7.58 9.34 3.94
C GLY A 161 8.92 10.06 3.94
N ASN A 162 9.34 10.53 5.10
CA ASN A 162 10.60 11.25 5.19
C ASN A 162 11.80 10.31 5.28
N VAL A 163 12.06 9.63 4.18
CA VAL A 163 13.20 8.71 4.14
C VAL A 163 14.52 9.48 4.23
N GLN A 164 15.49 8.86 4.87
CA GLN A 164 16.81 9.42 5.10
C GLN A 164 17.76 8.93 4.02
N SER A 165 19.07 9.21 4.18
CA SER A 165 20.03 8.88 3.11
C SER A 165 20.13 7.37 2.86
N ASN A 166 19.76 6.56 3.85
CA ASN A 166 19.76 5.10 3.69
C ASN A 166 18.49 4.54 3.04
N GLY A 167 17.62 5.43 2.55
CA GLY A 167 16.43 4.99 1.84
C GLY A 167 15.22 4.65 2.69
N ASN A 168 15.32 4.83 4.00
CA ASN A 168 14.19 4.54 4.88
C ASN A 168 14.18 5.52 6.05
N ASN A 169 13.16 5.46 6.91
CA ASN A 169 13.17 6.25 8.14
C ASN A 169 13.18 5.38 9.39
N CYS A 170 13.69 4.16 9.25
N CYS A 170 13.67 4.15 9.24
CA CYS A 170 13.78 3.21 10.36
CA CYS A 170 13.81 3.21 10.35
C CYS A 170 14.96 3.49 11.29
C CYS A 170 14.87 3.65 11.34
N GLY A 171 15.89 4.33 10.83
CA GLY A 171 17.07 4.67 11.62
C GLY A 171 16.96 5.96 12.40
N ILE A 172 15.78 6.56 12.41
CA ILE A 172 15.50 7.70 13.27
C ILE A 172 14.33 7.33 14.20
N PRO A 173 14.21 8.01 15.35
CA PRO A 173 13.16 7.68 16.32
C PRO A 173 11.76 7.88 15.76
N ALA A 174 10.81 7.11 16.28
CA ALA A 174 9.41 7.21 15.88
C ALA A 174 8.91 8.65 15.93
N SER A 175 9.35 9.40 16.95
CA SER A 175 8.89 10.79 17.12
C SER A 175 9.26 11.70 15.95
N GLN A 176 10.24 11.27 15.13
CA GLN A 176 10.74 12.07 14.01
C GLN A 176 10.24 11.57 12.65
N ARG A 177 9.45 10.51 12.65
CA ARG A 177 9.00 9.89 11.40
C ARG A 177 7.68 10.46 10.92
N SER A 178 7.61 10.67 9.61
CA SER A 178 6.37 10.97 8.93
C SER A 178 6.23 9.95 7.82
N SER A 179 5.30 9.01 8.04
CA SER A 179 5.04 7.95 7.08
C SER A 179 3.57 8.09 6.69
N LEU A 180 3.31 8.32 5.41
CA LEU A 180 2.01 8.78 4.95
C LEU A 180 1.32 7.75 4.06
N PHE A 181 0.06 7.47 4.37
CA PHE A 181 -0.75 6.60 3.54
C PHE A 181 -2.00 7.26 2.96
N GLN A 182 -2.34 6.80 1.76
CA GLN A 182 -3.59 7.11 1.09
C GLN A 182 -4.68 6.22 1.67
N ARG A 183 -5.75 6.86 2.13
CA ARG A 183 -6.88 6.15 2.72
C ARG A 183 -7.50 5.17 1.72
N LEU A 184 -7.88 4.00 2.24
CA LEU A 184 -8.46 2.95 1.44
C LEU A 184 -9.90 3.24 0.99
N GLN A 185 -10.71 3.79 1.87
CA GLN A 185 -12.14 3.91 1.58
C GLN A 185 -12.44 4.66 0.28
N PRO A 186 -11.79 5.81 0.05
CA PRO A 186 -12.08 6.48 -1.23
C PRO A 186 -11.62 5.69 -2.47
N ILE A 187 -10.61 4.83 -2.33
CA ILE A 187 -10.21 4.00 -3.46
C ILE A 187 -11.31 2.99 -3.78
N LEU A 188 -11.86 2.38 -2.73
CA LEU A 188 -12.92 1.40 -2.91
C LEU A 188 -14.15 2.01 -3.59
N SER A 189 -14.60 3.16 -3.12
CA SER A 189 -15.79 3.76 -3.72
C SER A 189 -15.49 4.33 -5.11
N GLN A 190 -14.32 4.96 -5.25
CA GLN A 190 -13.95 5.56 -6.54
C GLN A 190 -14.04 4.53 -7.66
N TYR A 191 -13.59 3.30 -7.40
CA TYR A 191 -13.49 2.29 -8.46
C TYR A 191 -14.50 1.16 -8.31
N GLY A 192 -15.41 1.29 -7.35
CA GLY A 192 -16.45 0.29 -7.19
C GLY A 192 -15.91 -1.06 -6.77
N LEU A 193 -14.94 -1.05 -5.86
CA LEU A 193 -14.21 -2.25 -5.45
C LEU A 193 -14.70 -2.75 -4.11
N SER A 194 -14.65 -4.06 -3.93
CA SER A 194 -14.95 -4.68 -2.66
C SER A 194 -13.71 -5.40 -2.13
N LEU A 195 -13.42 -5.16 -0.87
CA LEU A 195 -12.28 -5.77 -0.20
C LEU A 195 -12.51 -7.27 -0.01
N VAL A 196 -11.48 -8.07 -0.30
CA VAL A 196 -11.51 -9.50 -0.02
C VAL A 196 -11.17 -9.73 1.46
N THR A 197 -12.09 -10.37 2.18
CA THR A 197 -11.91 -10.57 3.62
C THR A 197 -11.92 -12.07 3.97
N GLY A 198 -11.48 -12.38 5.18
CA GLY A 198 -11.38 -13.77 5.60
C GLY A 198 -11.42 -13.91 7.11
N LEU B 1 7.27 7.81 -2.05
CA LEU B 1 7.91 9.05 -2.47
C LEU B 1 8.28 9.90 -1.26
N GLN B 2 9.18 10.85 -1.50
CA GLN B 2 9.72 11.68 -0.44
C GLN B 2 9.05 13.07 -0.47
N PRO B 3 8.38 13.46 0.62
CA PRO B 3 7.86 14.84 0.69
C PRO B 3 9.00 15.85 0.58
N ILE B 4 8.76 16.91 -0.19
CA ILE B 4 9.79 17.92 -0.44
C ILE B 4 9.24 19.32 -0.13
#